data_4GHU
#
_entry.id   4GHU
#
_cell.length_a   83.492
_cell.length_b   83.492
_cell.length_c   78.125
_cell.angle_alpha   90.00
_cell.angle_beta   90.00
_cell.angle_gamma   120.00
#
_symmetry.space_group_name_H-M   'P 3 2 1'
#
loop_
_entity.id
_entity.type
_entity.pdbx_description
1 polymer 'TNF receptor-associated factor 3'
2 polymer 'Mitochondrial antiviral-signaling protein'
3 water water
#
loop_
_entity_poly.entity_id
_entity_poly.type
_entity_poly.pdbx_seq_one_letter_code
_entity_poly.pdbx_strand_id
1 'polypeptide(L)'
;NTGLLESQLSRHDQMLSVHDIRLADMDLRFQVLETASYNGVLIWKIRDYKRRKQEAVMGKTLSLYSQPFYTGYFGYKMCA
RVYLNGDGMGKGTHLSLFFVIMRGEYDALLPWPFKQKVTLMLMDQGSSRRHLGDAFKPDPNSSSFKKPTGEMNIASGCPV
FVAQTVLENGTYIKDDTIFIKVIVDTSDLPDPHHHHHH
;
A
2 'polypeptide(L)' PSCPKPVQDTQPPESPVENSE B
#
# COMPACT_ATOMS: atom_id res chain seq x y z
N ASN A 1 -25.82 -16.14 -45.72
CA ASN A 1 -25.63 -14.70 -45.64
C ASN A 1 -24.45 -14.36 -44.72
N THR A 2 -23.27 -14.26 -45.32
CA THR A 2 -22.05 -14.16 -44.53
C THR A 2 -21.95 -12.87 -43.71
N GLY A 3 -22.49 -11.77 -44.24
CA GLY A 3 -22.50 -10.51 -43.52
C GLY A 3 -23.17 -10.63 -42.15
N LEU A 4 -24.32 -11.29 -42.13
CA LEU A 4 -25.03 -11.61 -40.88
C LEU A 4 -24.17 -12.50 -39.98
N LEU A 5 -23.63 -13.56 -40.55
CA LEU A 5 -22.75 -14.45 -39.80
C LEU A 5 -21.57 -13.69 -39.18
N GLU A 6 -20.93 -12.84 -39.98
CA GLU A 6 -19.79 -12.08 -39.51
C GLU A 6 -20.16 -11.08 -38.43
N SER A 7 -21.32 -10.44 -38.57
CA SER A 7 -21.78 -9.51 -37.53
C SER A 7 -22.00 -10.22 -36.21
N GLN A 8 -22.54 -11.43 -36.25
CA GLN A 8 -22.78 -12.14 -35.01
C GLN A 8 -21.44 -12.59 -34.40
N LEU A 9 -20.54 -13.09 -35.24
CA LEU A 9 -19.22 -13.46 -34.75
C LEU A 9 -18.54 -12.28 -34.07
N SER A 10 -18.68 -11.11 -34.67
CA SER A 10 -18.10 -9.90 -34.14
C SER A 10 -18.69 -9.54 -32.76
N ARG A 11 -20.01 -9.66 -32.62
CA ARG A 11 -20.63 -9.44 -31.30
C ARG A 11 -20.10 -10.43 -30.28
N HIS A 12 -20.00 -11.68 -30.67
CA HIS A 12 -19.51 -12.69 -29.75
C HIS A 12 -18.07 -12.43 -29.36
N ASP A 13 -17.26 -12.08 -30.34
CA ASP A 13 -15.87 -11.74 -30.06
C ASP A 13 -15.80 -10.61 -29.03
N GLN A 14 -16.58 -9.56 -29.25
CA GLN A 14 -16.54 -8.43 -28.33
C GLN A 14 -16.98 -8.84 -26.93
N MET A 15 -18.07 -9.60 -26.83
CA MET A 15 -18.54 -10.05 -25.53
C MET A 15 -17.53 -10.98 -24.83
N LEU A 16 -16.92 -11.89 -25.58
CA LEU A 16 -15.86 -12.71 -25.02
C LEU A 16 -14.70 -11.86 -24.49
N SER A 17 -14.36 -10.78 -25.19
CA SER A 17 -13.29 -9.90 -24.73
C SER A 17 -13.67 -9.25 -23.40
N VAL A 18 -14.88 -8.71 -23.32
CA VAL A 18 -15.36 -8.15 -22.07
C VAL A 18 -15.33 -9.18 -20.94
N HIS A 19 -15.88 -10.38 -21.17
CA HIS A 19 -15.88 -11.42 -20.16
C HIS A 19 -14.48 -11.80 -19.70
N ASP A 20 -13.54 -11.86 -20.62
CA ASP A 20 -12.16 -12.18 -20.27
C ASP A 20 -11.58 -11.14 -19.31
N ILE A 21 -11.99 -9.90 -19.48
CA ILE A 21 -11.54 -8.81 -18.63
C ILE A 21 -12.25 -8.83 -17.27
N ARG A 22 -13.56 -9.06 -17.27
CA ARG A 22 -14.26 -9.21 -16.00
C ARG A 22 -13.67 -10.37 -15.19
N LEU A 23 -13.39 -11.48 -15.87
CA LEU A 23 -12.77 -12.62 -15.19
C LEU A 23 -11.43 -12.27 -14.55
N ALA A 24 -10.59 -11.51 -15.25
CA ALA A 24 -9.29 -11.14 -14.70
C ALA A 24 -9.46 -10.18 -13.50
N ASP A 25 -10.40 -9.25 -13.61
CA ASP A 25 -10.65 -8.32 -12.52
C ASP A 25 -11.19 -9.04 -11.28
N MET A 26 -11.97 -10.11 -11.48
CA MET A 26 -12.48 -10.86 -10.35
C MET A 26 -11.37 -11.63 -9.68
N ASP A 27 -10.43 -12.14 -10.46
CA ASP A 27 -9.27 -12.80 -9.90
C ASP A 27 -8.58 -11.83 -8.94
N LEU A 28 -8.43 -10.57 -9.36
CA LEU A 28 -7.81 -9.56 -8.50
C LEU A 28 -8.64 -9.32 -7.24
N ARG A 29 -9.94 -9.20 -7.43
CA ARG A 29 -10.88 -9.00 -6.33
C ARG A 29 -10.80 -10.13 -5.29
N PHE A 30 -10.70 -11.38 -5.75
CA PHE A 30 -10.47 -12.49 -4.85
C PHE A 30 -9.21 -12.29 -4.01
N GLN A 31 -8.10 -11.94 -4.66
CA GLN A 31 -6.82 -11.80 -3.95
C GLN A 31 -6.91 -10.72 -2.89
N VAL A 32 -7.54 -9.62 -3.23
CA VAL A 32 -7.76 -8.52 -2.30
C VAL A 32 -8.57 -9.00 -1.10
N LEU A 33 -9.61 -9.78 -1.36
CA LEU A 33 -10.50 -10.24 -0.29
C LEU A 33 -9.81 -11.28 0.59
N GLU A 34 -9.01 -12.14 -0.03
CA GLU A 34 -8.34 -13.22 0.66
C GLU A 34 -7.19 -12.74 1.53
N THR A 35 -6.77 -11.50 1.31
CA THR A 35 -5.65 -10.95 2.06
C THR A 35 -6.08 -9.78 2.92
N ALA A 36 -7.39 -9.61 3.08
CA ALA A 36 -7.91 -8.52 3.90
C ALA A 36 -7.82 -8.87 5.38
N SER A 37 -7.69 -7.84 6.20
CA SER A 37 -7.62 -8.01 7.63
C SER A 37 -8.52 -6.96 8.27
N TYR A 38 -9.12 -7.28 9.41
CA TYR A 38 -10.10 -6.37 10.03
C TYR A 38 -9.81 -6.00 11.48
N ASN A 39 -8.58 -6.22 11.91
CA ASN A 39 -8.15 -5.93 13.27
C ASN A 39 -7.04 -4.87 13.33
N GLY A 40 -6.91 -4.07 12.27
CA GLY A 40 -5.93 -3.00 12.25
C GLY A 40 -4.48 -3.44 12.00
N VAL A 41 -4.28 -4.69 11.61
CA VAL A 41 -2.93 -5.19 11.36
C VAL A 41 -2.81 -5.62 9.92
N LEU A 42 -1.79 -5.10 9.24
CA LEU A 42 -1.53 -5.44 7.85
C LEU A 42 -0.22 -6.20 7.73
N ILE A 43 -0.25 -7.34 7.04
CA ILE A 43 1.01 -7.96 6.60
C ILE A 43 1.01 -7.92 5.09
N TRP A 44 2.04 -7.30 4.53
CA TRP A 44 2.14 -7.08 3.10
C TRP A 44 3.37 -7.82 2.62
N LYS A 45 3.14 -8.80 1.76
CA LYS A 45 4.20 -9.64 1.23
C LYS A 45 4.56 -9.15 -0.17
N ILE A 46 5.83 -8.81 -0.35
CA ILE A 46 6.29 -8.28 -1.62
C ILE A 46 7.33 -9.21 -2.23
N ARG A 47 6.94 -9.86 -3.32
CA ARG A 47 7.80 -10.84 -3.99
C ARG A 47 8.60 -10.15 -5.10
N ASP A 48 9.49 -10.90 -5.75
CA ASP A 48 10.27 -10.37 -6.86
C ASP A 48 10.89 -9.04 -6.50
N TYR A 49 11.50 -8.96 -5.32
CA TYR A 49 12.13 -7.74 -4.86
C TYR A 49 13.08 -7.17 -5.93
N LYS A 50 14.06 -7.98 -6.33
CA LYS A 50 15.08 -7.58 -7.31
C LYS A 50 14.47 -6.90 -8.53
N ARG A 51 13.59 -7.60 -9.23
CA ARG A 51 12.96 -7.03 -10.41
C ARG A 51 12.19 -5.75 -10.09
N ARG A 52 11.47 -5.76 -8.97
CA ARG A 52 10.68 -4.60 -8.60
C ARG A 52 11.57 -3.41 -8.18
N LYS A 53 12.66 -3.70 -7.49
CA LYS A 53 13.66 -2.69 -7.18
C LYS A 53 14.15 -2.04 -8.47
N GLN A 54 14.48 -2.87 -9.46
CA GLN A 54 14.98 -2.39 -10.74
C GLN A 54 13.95 -1.60 -11.52
N GLU A 55 12.67 -1.97 -11.39
CA GLU A 55 11.62 -1.21 -12.06
C GLU A 55 11.45 0.18 -11.44
N ALA A 56 11.75 0.29 -10.15
CA ALA A 56 11.67 1.59 -9.49
C ALA A 56 12.89 2.43 -9.86
N VAL A 57 14.06 1.79 -9.90
CA VAL A 57 15.28 2.48 -10.32
C VAL A 57 15.13 3.06 -11.73
N MET A 58 14.53 2.29 -12.63
CA MET A 58 14.36 2.70 -14.02
C MET A 58 13.19 3.65 -14.17
N GLY A 59 12.47 3.88 -13.08
CA GLY A 59 11.32 4.75 -13.14
C GLY A 59 10.12 4.15 -13.86
N LYS A 60 10.13 2.84 -14.08
CA LYS A 60 8.96 2.15 -14.66
C LYS A 60 7.83 2.05 -13.64
N THR A 61 8.16 1.55 -12.45
CA THR A 61 7.20 1.46 -11.36
C THR A 61 7.79 2.04 -10.07
N LEU A 62 7.52 3.30 -9.83
CA LEU A 62 8.13 4.01 -8.70
C LEU A 62 7.69 3.47 -7.33
N SER A 63 6.39 3.23 -7.18
CA SER A 63 5.84 2.85 -5.88
C SER A 63 4.84 1.71 -6.02
N LEU A 64 4.56 1.05 -4.90
CA LEU A 64 3.58 -0.04 -4.87
C LEU A 64 2.64 0.22 -3.71
N TYR A 65 1.37 -0.15 -3.87
CA TYR A 65 0.38 -0.10 -2.79
C TYR A 65 0.09 -1.50 -2.27
N SER A 66 -0.16 -1.62 -0.97
CA SER A 66 -0.65 -2.88 -0.41
C SER A 66 -2.12 -3.07 -0.73
N GLN A 67 -2.63 -4.26 -0.44
CA GLN A 67 -4.07 -4.45 -0.38
C GLN A 67 -4.58 -3.58 0.75
N PRO A 68 -5.87 -3.23 0.74
CA PRO A 68 -6.46 -2.50 1.86
C PRO A 68 -6.55 -3.34 3.14
N PHE A 69 -6.60 -2.68 4.30
CA PHE A 69 -6.88 -3.38 5.54
C PHE A 69 -7.73 -2.44 6.38
N TYR A 70 -8.35 -2.97 7.43
CA TYR A 70 -9.37 -2.21 8.15
C TYR A 70 -9.16 -2.28 9.63
N THR A 71 -9.67 -1.28 10.36
CA THR A 71 -9.60 -1.28 11.80
C THR A 71 -10.72 -2.15 12.38
N GLY A 72 -11.68 -2.53 11.53
CA GLY A 72 -12.83 -3.30 11.95
C GLY A 72 -13.72 -3.56 10.74
N TYR A 73 -14.71 -4.45 10.89
CA TYR A 73 -15.56 -4.81 9.75
C TYR A 73 -16.11 -3.62 8.97
N PHE A 74 -16.49 -2.57 9.67
CA PHE A 74 -17.03 -1.38 9.04
C PHE A 74 -16.23 -0.15 9.47
N GLY A 75 -14.91 -0.32 9.57
CA GLY A 75 -14.06 0.73 10.12
C GLY A 75 -13.33 1.54 9.05
N TYR A 76 -12.24 2.18 9.44
CA TYR A 76 -11.43 2.95 8.50
C TYR A 76 -10.84 2.00 7.48
N LYS A 77 -10.69 2.46 6.24
CA LYS A 77 -10.06 1.66 5.21
C LYS A 77 -8.69 2.26 4.93
N MET A 78 -7.66 1.42 4.92
CA MET A 78 -6.28 1.88 4.90
C MET A 78 -5.40 1.01 4.02
N CYS A 79 -4.25 1.52 3.65
CA CYS A 79 -3.24 0.69 3.02
C CYS A 79 -1.85 1.28 3.26
N ALA A 80 -0.84 0.68 2.63
CA ALA A 80 0.52 1.18 2.72
C ALA A 80 1.03 1.48 1.32
N ARG A 81 2.04 2.32 1.23
CA ARG A 81 2.66 2.59 -0.05
C ARG A 81 4.16 2.56 0.18
N VAL A 82 4.87 1.77 -0.62
CA VAL A 82 6.31 1.68 -0.46
C VAL A 82 7.03 2.13 -1.74
N TYR A 83 8.20 2.76 -1.58
CA TYR A 83 9.06 3.10 -2.72
C TYR A 83 10.33 2.30 -2.57
N LEU A 84 10.49 1.26 -3.38
CA LEU A 84 11.66 0.38 -3.24
C LEU A 84 12.99 1.11 -3.46
N ASN A 85 12.98 2.20 -4.23
CA ASN A 85 14.21 2.95 -4.45
C ASN A 85 14.16 4.29 -3.75
N GLY A 86 13.11 4.48 -2.95
CA GLY A 86 13.05 5.63 -2.08
C GLY A 86 12.32 6.83 -2.64
N ASP A 87 11.81 7.67 -1.74
CA ASP A 87 11.10 8.87 -2.15
C ASP A 87 11.66 10.06 -1.36
N GLY A 88 11.42 11.27 -1.87
CA GLY A 88 11.85 12.48 -1.20
C GLY A 88 13.30 12.42 -0.79
N MET A 89 13.58 12.76 0.47
CA MET A 89 14.95 12.80 0.98
C MET A 89 15.61 11.43 1.03
N GLY A 90 14.84 10.37 0.75
CA GLY A 90 15.43 9.05 0.71
C GLY A 90 15.59 8.46 -0.69
N LYS A 91 15.28 9.24 -1.72
CA LYS A 91 15.35 8.71 -3.08
C LYS A 91 16.76 8.25 -3.46
N GLY A 92 16.87 7.04 -3.99
CA GLY A 92 18.15 6.46 -4.38
C GLY A 92 18.96 5.87 -3.23
N THR A 93 18.60 6.19 -2.00
CA THR A 93 19.40 5.73 -0.87
C THR A 93 18.62 4.83 0.09
N HIS A 94 17.30 4.99 0.14
CA HIS A 94 16.51 4.28 1.13
C HIS A 94 15.34 3.58 0.50
N LEU A 95 14.73 2.67 1.26
CA LEU A 95 13.36 2.26 1.02
C LEU A 95 12.50 3.24 1.80
N SER A 96 11.45 3.78 1.18
CA SER A 96 10.56 4.71 1.87
C SER A 96 9.23 4.03 2.11
N LEU A 97 8.64 4.23 3.29
CA LEU A 97 7.41 3.52 3.62
C LEU A 97 6.36 4.48 4.19
N PHE A 98 5.19 4.49 3.57
CA PHE A 98 4.12 5.41 3.94
C PHE A 98 2.80 4.70 4.29
N PHE A 99 2.00 5.38 5.12
CA PHE A 99 0.68 4.93 5.50
C PHE A 99 -0.36 5.73 4.72
N VAL A 100 -1.48 5.08 4.38
CA VAL A 100 -2.51 5.72 3.56
C VAL A 100 -3.92 5.50 4.10
N ILE A 101 -4.67 6.58 4.27
CA ILE A 101 -6.09 6.52 4.54
C ILE A 101 -6.83 6.49 3.20
N MET A 102 -7.72 5.52 3.01
CA MET A 102 -8.51 5.41 1.79
C MET A 102 -9.95 5.82 2.07
N ARG A 103 -10.68 6.20 1.04
CA ARG A 103 -12.10 6.45 1.20
C ARG A 103 -12.79 5.14 1.56
N GLY A 104 -13.48 5.12 2.70
CA GLY A 104 -14.21 3.95 3.13
C GLY A 104 -15.71 4.16 3.00
N GLU A 105 -16.48 3.07 2.94
CA GLU A 105 -17.92 3.15 2.76
C GLU A 105 -18.60 3.75 3.98
N TYR A 106 -17.92 3.68 5.13
CA TYR A 106 -18.53 4.10 6.38
C TYR A 106 -17.90 5.35 6.99
N ASP A 107 -17.22 6.14 6.17
CA ASP A 107 -16.52 7.33 6.66
C ASP A 107 -17.45 8.33 7.38
N ALA A 108 -18.69 8.41 6.93
CA ALA A 108 -19.65 9.32 7.55
C ALA A 108 -19.93 8.96 9.02
N LEU A 109 -19.54 7.76 9.44
CA LEU A 109 -19.80 7.32 10.81
C LEU A 109 -18.55 7.38 11.71
N LEU A 110 -17.40 7.67 11.13
CA LEU A 110 -16.14 7.54 11.86
C LEU A 110 -15.63 8.90 12.31
N PRO A 111 -14.76 8.92 13.32
CA PRO A 111 -14.17 10.21 13.73
C PRO A 111 -13.15 10.69 12.69
N TRP A 112 -13.12 11.99 12.43
CA TRP A 112 -12.10 12.64 11.61
C TRP A 112 -11.67 13.91 12.30
N PRO A 113 -10.38 14.25 12.19
CA PRO A 113 -9.38 13.48 11.43
C PRO A 113 -9.06 12.12 12.06
N PHE A 114 -8.41 11.26 11.28
CA PHE A 114 -7.88 10.01 11.76
C PHE A 114 -6.79 10.32 12.79
N LYS A 115 -6.82 9.60 13.91
CA LYS A 115 -5.88 9.88 15.00
C LYS A 115 -5.33 8.62 15.68
N GLN A 116 -5.54 7.46 15.06
CA GLN A 116 -4.99 6.23 15.62
C GLN A 116 -3.46 6.19 15.48
N LYS A 117 -2.79 5.75 16.53
CA LYS A 117 -1.35 5.49 16.46
C LYS A 117 -1.08 4.45 15.36
N VAL A 118 -0.09 4.72 14.53
CA VAL A 118 0.32 3.83 13.46
C VAL A 118 1.77 3.36 13.67
N THR A 119 2.00 2.07 13.50
CA THR A 119 3.35 1.53 13.57
C THR A 119 3.69 0.97 12.20
N LEU A 120 4.85 1.37 11.68
CA LEU A 120 5.35 0.90 10.38
C LEU A 120 6.54 -0.02 10.62
N MET A 121 6.53 -1.20 10.01
CA MET A 121 7.61 -2.16 10.23
C MET A 121 8.07 -2.87 8.98
N LEU A 122 9.37 -3.18 8.96
CA LEU A 122 9.93 -4.09 7.98
C LEU A 122 10.36 -5.36 8.72
N MET A 123 9.88 -6.52 8.30
CA MET A 123 10.14 -7.71 9.08
C MET A 123 11.53 -8.31 8.80
N ASP A 124 12.20 -8.71 9.87
CA ASP A 124 13.43 -9.48 9.75
C ASP A 124 13.07 -10.96 9.64
N GLN A 125 13.44 -11.56 8.51
CA GLN A 125 13.19 -12.99 8.31
C GLN A 125 14.32 -13.86 8.87
N GLY A 126 15.30 -13.23 9.50
CA GLY A 126 16.40 -13.96 10.11
C GLY A 126 15.97 -14.51 11.45
N SER A 127 16.72 -15.50 11.97
CA SER A 127 16.36 -16.17 13.21
C SER A 127 16.39 -15.23 14.41
N SER A 128 17.12 -14.13 14.31
CA SER A 128 17.15 -13.12 15.38
C SER A 128 15.87 -12.29 15.45
N ARG A 129 15.11 -12.24 14.35
CA ARG A 129 13.85 -11.49 14.34
C ARG A 129 14.00 -10.03 14.80
N ARG A 130 15.04 -9.35 14.33
CA ARG A 130 15.23 -7.94 14.66
C ARG A 130 14.49 -7.05 13.66
N HIS A 131 13.20 -6.87 13.88
CA HIS A 131 12.34 -6.14 12.94
C HIS A 131 12.58 -4.64 13.02
N LEU A 132 12.62 -3.98 11.87
CA LEU A 132 12.80 -2.54 11.84
C LEU A 132 11.44 -1.85 11.90
N GLY A 133 11.33 -0.78 12.67
CA GLY A 133 10.05 -0.11 12.74
C GLY A 133 10.05 1.23 13.44
N ASP A 134 8.98 1.98 13.23
CA ASP A 134 8.77 3.21 13.99
C ASP A 134 7.28 3.48 14.02
N ALA A 135 6.85 4.31 14.95
CA ALA A 135 5.45 4.61 15.14
C ALA A 135 5.27 6.10 15.19
N PHE A 136 4.06 6.57 14.86
CA PHE A 136 3.72 7.98 15.00
C PHE A 136 2.26 8.16 15.35
N LYS A 137 1.97 9.29 16.02
CA LYS A 137 0.63 9.73 16.29
C LYS A 137 0.27 10.70 15.19
N PRO A 138 -0.77 10.39 14.40
CA PRO A 138 -1.04 11.24 13.23
C PRO A 138 -1.21 12.70 13.63
N ASP A 139 -0.60 13.60 12.85
CA ASP A 139 -0.80 15.02 13.07
C ASP A 139 -2.17 15.45 12.55
N PRO A 140 -3.03 15.94 13.46
CA PRO A 140 -4.41 16.38 13.20
C PRO A 140 -4.52 17.43 12.11
N ASN A 141 -3.46 18.19 11.89
CA ASN A 141 -3.49 19.28 10.91
C ASN A 141 -2.98 18.85 9.55
N SER A 142 -2.52 17.62 9.44
CA SER A 142 -2.12 17.08 8.15
C SER A 142 -3.32 16.62 7.33
N SER A 143 -3.33 17.02 6.07
CA SER A 143 -4.37 16.60 5.15
C SER A 143 -4.35 15.08 4.90
N SER A 144 -3.30 14.40 5.36
CA SER A 144 -3.21 12.95 5.23
C SER A 144 -4.31 12.24 6.01
N PHE A 145 -4.87 12.95 6.99
CA PHE A 145 -5.75 12.32 7.95
C PHE A 145 -7.13 12.96 7.97
N LYS A 146 -7.39 13.78 6.96
CA LYS A 146 -8.69 14.42 6.80
C LYS A 146 -9.67 13.36 6.35
N LYS A 147 -10.96 13.64 6.50
CA LYS A 147 -11.98 12.78 5.89
C LYS A 147 -11.76 12.74 4.37
N PRO A 148 -11.59 11.54 3.81
CA PRO A 148 -11.31 11.41 2.37
C PRO A 148 -12.37 12.02 1.46
N THR A 149 -11.90 12.74 0.44
CA THR A 149 -12.78 13.29 -0.58
C THR A 149 -12.51 12.55 -1.90
N GLY A 150 -11.28 12.14 -2.12
CA GLY A 150 -10.94 11.32 -3.27
C GLY A 150 -10.81 9.89 -2.79
N GLU A 151 -10.44 8.99 -3.69
CA GLU A 151 -10.28 7.58 -3.33
C GLU A 151 -9.23 7.37 -2.24
N MET A 152 -8.11 8.10 -2.33
CA MET A 152 -7.05 8.00 -1.33
C MET A 152 -6.52 9.36 -0.88
N ASN A 153 -6.38 9.53 0.43
CA ASN A 153 -5.65 10.69 0.94
C ASN A 153 -4.18 10.62 0.53
N ILE A 154 -3.46 11.72 0.76
CA ILE A 154 -2.03 11.75 0.52
C ILE A 154 -1.33 10.88 1.57
N ALA A 155 -0.40 10.06 1.11
CA ALA A 155 0.32 9.15 1.99
C ALA A 155 1.20 9.92 2.95
N SER A 156 1.46 9.33 4.10
CA SER A 156 2.30 9.98 5.08
C SER A 156 3.12 8.93 5.82
N GLY A 157 4.40 9.21 6.06
CA GLY A 157 5.24 8.28 6.78
C GLY A 157 6.74 8.59 6.74
N CYS A 158 7.52 7.65 6.20
CA CYS A 158 8.96 7.63 6.44
C CYS A 158 9.80 7.50 5.17
N PRO A 159 10.25 8.65 4.60
CA PRO A 159 11.10 8.66 3.40
C PRO A 159 12.45 7.96 3.63
N VAL A 160 12.95 8.00 4.86
CA VAL A 160 14.22 7.34 5.15
C VAL A 160 14.04 6.16 6.11
N PHE A 161 13.04 5.35 5.84
CA PHE A 161 12.72 4.24 6.73
C PHE A 161 13.91 3.31 6.99
N VAL A 162 14.53 2.82 5.94
CA VAL A 162 15.75 2.03 6.08
C VAL A 162 16.66 2.25 4.88
N ALA A 163 17.96 2.37 5.14
CA ALA A 163 18.94 2.50 4.06
C ALA A 163 18.90 1.25 3.19
N GLN A 164 19.05 1.42 1.89
CA GLN A 164 18.98 0.29 0.97
C GLN A 164 20.08 -0.72 1.26
N THR A 165 21.25 -0.23 1.68
CA THR A 165 22.38 -1.09 2.01
C THR A 165 22.06 -1.96 3.22
N VAL A 166 21.61 -1.33 4.30
CA VAL A 166 21.20 -2.07 5.48
C VAL A 166 20.18 -3.15 5.11
N LEU A 167 19.16 -2.74 4.36
CA LEU A 167 18.12 -3.64 3.92
C LEU A 167 18.71 -4.85 3.18
N GLU A 168 19.48 -4.58 2.13
CA GLU A 168 19.89 -5.64 1.21
C GLU A 168 20.99 -6.53 1.76
N ASN A 169 21.74 -6.02 2.73
CA ASN A 169 22.83 -6.80 3.31
C ASN A 169 22.45 -7.55 4.59
N GLY A 170 21.20 -7.42 5.01
CA GLY A 170 20.74 -8.04 6.24
C GLY A 170 19.92 -9.27 5.93
N THR A 171 19.05 -9.65 6.87
CA THR A 171 18.22 -10.85 6.69
C THR A 171 16.76 -10.48 6.48
N TYR A 172 16.50 -9.26 6.00
CA TYR A 172 15.14 -8.81 5.77
C TYR A 172 14.63 -9.42 4.47
N ILE A 173 15.55 -9.58 3.52
CA ILE A 173 15.19 -10.16 2.23
C ILE A 173 15.53 -11.64 2.25
N LYS A 174 14.56 -12.49 1.92
CA LYS A 174 14.81 -13.92 1.85
C LYS A 174 13.95 -14.49 0.74
N ASP A 175 14.55 -15.33 -0.10
CA ASP A 175 13.84 -15.86 -1.28
C ASP A 175 13.25 -14.74 -2.12
N ASP A 176 13.99 -13.63 -2.20
CA ASP A 176 13.63 -12.50 -3.05
C ASP A 176 12.28 -11.88 -2.68
N THR A 177 12.03 -11.79 -1.38
CA THR A 177 10.74 -11.35 -0.87
C THR A 177 10.97 -10.54 0.39
N ILE A 178 10.14 -9.52 0.61
CA ILE A 178 10.16 -8.85 1.89
C ILE A 178 8.77 -8.80 2.47
N PHE A 179 8.69 -8.61 3.78
CA PHE A 179 7.41 -8.51 4.45
C PHE A 179 7.34 -7.19 5.17
N ILE A 180 6.33 -6.40 4.83
CA ILE A 180 6.05 -5.17 5.55
C ILE A 180 4.86 -5.38 6.49
N LYS A 181 4.93 -4.78 7.66
CA LYS A 181 3.84 -4.89 8.62
C LYS A 181 3.43 -3.51 9.08
N VAL A 182 2.12 -3.27 9.15
CA VAL A 182 1.58 -2.03 9.69
C VAL A 182 0.61 -2.36 10.83
N ILE A 183 0.73 -1.65 11.94
CA ILE A 183 -0.16 -1.88 13.06
C ILE A 183 -0.84 -0.56 13.39
N VAL A 184 -2.17 -0.55 13.32
CA VAL A 184 -2.92 0.63 13.67
C VAL A 184 -3.60 0.33 14.98
N ASP A 185 -3.43 1.22 15.95
CA ASP A 185 -4.05 1.02 17.23
C ASP A 185 -5.57 1.14 17.09
N THR A 186 -6.31 0.13 17.54
CA THR A 186 -7.77 0.17 17.44
C THR A 186 -8.43 0.21 18.82
N SER A 187 -7.65 0.00 19.87
CA SER A 187 -8.16 -0.08 21.24
C SER A 187 -8.94 1.18 21.60
N ASP A 188 -8.62 2.26 20.89
CA ASP A 188 -9.21 3.56 21.15
C ASP A 188 -10.72 3.62 20.90
N LEU A 189 -11.24 2.70 20.10
CA LEU A 189 -12.61 2.81 19.60
C LEU A 189 -13.34 1.46 19.44
N PRO A 190 -14.61 1.49 18.99
CA PRO A 190 -15.42 2.67 18.66
C PRO A 190 -15.78 3.49 19.89
N PRO B 1 13.06 3.67 11.11
CA PRO B 1 13.78 3.90 12.36
C PRO B 1 14.33 5.33 12.46
N SER B 2 14.55 5.95 11.31
CA SER B 2 14.94 7.35 11.28
C SER B 2 13.71 8.17 10.91
N CYS B 3 12.56 7.78 11.47
CA CYS B 3 11.29 8.44 11.18
C CYS B 3 10.78 9.25 12.36
N PRO B 4 11.59 10.19 12.88
CA PRO B 4 11.16 11.00 14.02
C PRO B 4 10.11 11.99 13.57
N LYS B 5 10.18 12.35 12.28
CA LYS B 5 9.21 13.27 11.69
C LYS B 5 8.52 12.65 10.48
N PRO B 6 7.34 12.07 10.69
CA PRO B 6 6.57 11.54 9.55
C PRO B 6 6.15 12.65 8.60
N VAL B 7 6.43 12.47 7.32
CA VAL B 7 6.02 13.47 6.32
C VAL B 7 5.31 12.80 5.15
N GLN B 8 4.71 13.62 4.29
CA GLN B 8 4.02 13.13 3.12
C GLN B 8 4.99 12.67 2.03
N ASP B 9 4.57 11.70 1.20
CA ASP B 9 5.38 11.38 0.03
C ASP B 9 5.16 12.50 -0.98
N THR B 10 6.02 12.55 -1.98
N THR B 10 6.03 12.59 -1.97
CA THR B 10 6.08 13.68 -2.92
CA THR B 10 5.96 13.71 -2.89
C THR B 10 4.88 13.81 -3.87
C THR B 10 5.03 13.42 -4.07
N GLN B 11 3.79 14.39 -3.37
N GLN B 11 4.32 12.31 -4.00
CA GLN B 11 2.65 14.83 -4.18
CA GLN B 11 3.51 11.82 -5.11
C GLN B 11 1.42 13.91 -4.25
C GLN B 11 2.01 11.87 -4.85
N PRO B 12 1.45 12.90 -5.15
N PRO B 12 1.20 11.71 -5.91
CA PRO B 12 0.27 12.35 -5.82
CA PRO B 12 -0.26 11.83 -5.86
C PRO B 12 -0.32 11.02 -5.29
C PRO B 12 -0.94 10.50 -5.53
N PRO B 13 -1.58 11.06 -4.82
N PRO B 13 -1.77 10.49 -4.48
CA PRO B 13 -2.37 9.88 -4.43
CA PRO B 13 -2.53 9.34 -3.99
C PRO B 13 -2.75 9.02 -5.63
C PRO B 13 -2.95 8.38 -5.10
N GLU B 14 -4.05 8.71 -5.78
CA GLU B 14 -4.57 7.82 -6.84
C GLU B 14 -3.57 7.44 -7.92
#